data_7LS4
#
_entry.id   7LS4
#
_cell.length_a   58.914
_cell.length_b   63.625
_cell.length_c   123.457
_cell.angle_alpha   90.000
_cell.angle_beta   90.000
_cell.angle_gamma   90.000
#
_symmetry.space_group_name_H-M   'P 21 21 21'
#
loop_
_entity.id
_entity.type
_entity.pdbx_description
1 polymer 'Cholesterol 24-hydroxylase'
2 non-polymer 'PROTOPORPHYRIN IX CONTAINING FE'
3 non-polymer [5,5-dimethyl-3-(2-methylphenyl)-4~{H}-pyrazol-1-yl]-pyridin-4-yl-methanone
4 water water
#
_entity_poly.entity_id   1
_entity_poly.type   'polypeptide(L)'
_entity_poly.pdbx_seq_one_letter_code
;MHHHHHHSRYEHIPGPPRPSFLLGHLPCFWKKDEVGGRVLQDVFLDWAKKYGPVVRVNVFHKTSVIVTSPESVKKFLMST
KYNKDSKMYRALQTVFGERLFGQGLVSECNYERWHKQRRVIDLAFSRSSLVSLMETFNEKAEQLVEILEAKADGQTPVSM
QDMLTYTAMDILAKAAFGMETSMLLGAQKPLSQAVKLMLEGITASRNTLAKFLPGKRKQLREVRESIRFLRQVGRDWVQR
RREALKRGEEVPADILTQILKAEEGAQDDEGLLDNFVTFFIAGHETSANHLAFTVMELSRQPEIVARLQAEVDEVIGSKR
YLDFEDLGRLQYLSQVLKESLRLYPPAWGTFRLLEEETLIDGVRVPGNTPLLFSTYVMGRMDTYFEDPLTFNPDRFGPGA
PKPRFTYFPFSLGHRSCIGQQFAQMEVKVVMAKLLQRLEFRLVPGQRFGLQEQATLKPLDPVLCTLRPRGWQPA
;
_entity_poly.pdbx_strand_id   A
#
# COMPACT_ATOMS: atom_id res chain seq x y z
N SER A 8 -26.27 -15.79 -16.15
CA SER A 8 -27.45 -16.56 -15.67
C SER A 8 -27.04 -17.52 -14.56
N ARG A 9 -25.81 -18.05 -14.63
CA ARG A 9 -25.35 -19.03 -13.67
C ARG A 9 -25.18 -18.41 -12.29
N TYR A 10 -25.24 -17.07 -12.22
CA TYR A 10 -25.01 -16.32 -10.99
C TYR A 10 -26.30 -15.66 -10.49
N GLU A 11 -27.38 -15.75 -11.28
CA GLU A 11 -28.60 -14.98 -11.04
C GLU A 11 -29.24 -15.25 -9.67
N HIS A 12 -29.00 -16.42 -9.09
CA HIS A 12 -29.68 -16.85 -7.87
C HIS A 12 -29.01 -16.21 -6.66
N ILE A 13 -27.83 -15.61 -6.84
CA ILE A 13 -27.05 -15.07 -5.74
C ILE A 13 -27.60 -13.68 -5.43
N PRO A 14 -27.71 -13.28 -4.14
CA PRO A 14 -28.26 -11.96 -3.79
C PRO A 14 -27.38 -10.87 -4.39
N GLY A 15 -28.01 -9.77 -4.80
CA GLY A 15 -27.26 -8.65 -5.34
C GLY A 15 -28.17 -7.61 -5.97
N PRO A 16 -27.62 -6.47 -6.50
CA PRO A 16 -28.43 -5.44 -7.15
C PRO A 16 -29.06 -5.95 -8.45
N PRO A 17 -30.31 -5.53 -8.77
CA PRO A 17 -31.00 -5.93 -10.01
C PRO A 17 -30.78 -4.96 -11.18
N VAL A 39 -16.89 6.42 -5.07
CA VAL A 39 -15.96 5.25 -4.90
C VAL A 39 -16.72 3.91 -4.89
N LEU A 40 -16.25 2.96 -5.70
CA LEU A 40 -16.93 1.68 -5.92
C LEU A 40 -16.97 0.84 -4.64
N GLN A 41 -15.91 0.88 -3.83
CA GLN A 41 -15.92 0.20 -2.55
C GLN A 41 -17.13 0.65 -1.70
N ASP A 42 -17.59 1.89 -1.86
CA ASP A 42 -18.71 2.38 -1.07
C ASP A 42 -20.01 1.79 -1.57
N VAL A 43 -20.10 1.61 -2.89
CA VAL A 43 -21.22 0.88 -3.45
C VAL A 43 -21.20 -0.57 -2.94
N PHE A 44 -20.01 -1.21 -2.96
CA PHE A 44 -19.90 -2.56 -2.41
C PHE A 44 -20.33 -2.63 -0.94
N LEU A 45 -20.01 -1.59 -0.15
CA LEU A 45 -20.39 -1.57 1.26
C LEU A 45 -21.92 -1.55 1.38
N ASP A 46 -22.57 -0.68 0.60
CA ASP A 46 -24.03 -0.56 0.63
C ASP A 46 -24.65 -1.90 0.22
N TRP A 47 -24.01 -2.58 -0.74
CA TRP A 47 -24.60 -3.82 -1.22
C TRP A 47 -24.50 -4.92 -0.16
N ALA A 48 -23.35 -5.02 0.51
CA ALA A 48 -23.11 -6.00 1.57
C ALA A 48 -24.08 -5.80 2.72
N LYS A 49 -24.32 -4.54 3.11
CA LYS A 49 -25.25 -4.24 4.18
C LYS A 49 -26.65 -4.63 3.75
N LYS A 50 -27.02 -4.32 2.50
CA LYS A 50 -28.36 -4.64 2.03
C LYS A 50 -28.52 -6.12 1.70
N TYR A 51 -27.53 -6.77 1.07
CA TYR A 51 -27.78 -8.10 0.54
C TYR A 51 -27.08 -9.22 1.31
N GLY A 52 -26.25 -8.89 2.30
CA GLY A 52 -25.69 -9.94 3.14
C GLY A 52 -24.24 -10.28 2.79
N PRO A 53 -23.70 -11.38 3.36
CA PRO A 53 -22.24 -11.66 3.28
C PRO A 53 -21.72 -12.30 2.00
N VAL A 54 -22.62 -12.54 1.03
CA VAL A 54 -22.26 -13.09 -0.27
C VAL A 54 -23.07 -12.41 -1.37
N VAL A 55 -22.43 -11.53 -2.13
CA VAL A 55 -23.17 -10.71 -3.09
C VAL A 55 -22.50 -10.76 -4.46
N ARG A 56 -23.32 -10.88 -5.51
CA ARG A 56 -22.83 -10.88 -6.87
C ARG A 56 -22.68 -9.43 -7.34
N VAL A 57 -21.51 -9.17 -7.94
CA VAL A 57 -21.21 -7.89 -8.54
C VAL A 57 -20.75 -8.11 -9.98
N ASN A 58 -21.24 -7.25 -10.88
CA ASN A 58 -21.00 -7.41 -12.31
C ASN A 58 -20.30 -6.16 -12.85
N VAL A 59 -19.29 -5.68 -12.14
CA VAL A 59 -18.65 -4.42 -12.48
C VAL A 59 -17.35 -4.71 -13.23
N PHE A 60 -16.52 -5.57 -12.62
CA PHE A 60 -15.31 -6.09 -13.25
C PHE A 60 -15.68 -6.84 -14.53
N HIS A 61 -14.65 -7.21 -15.32
CA HIS A 61 -14.86 -7.85 -16.61
C HIS A 61 -15.79 -9.05 -16.44
N LYS A 62 -15.56 -9.78 -15.35
CA LYS A 62 -16.32 -10.96 -14.97
C LYS A 62 -17.37 -10.56 -13.93
N THR A 63 -18.29 -11.50 -13.69
CA THR A 63 -19.03 -11.50 -12.46
C THR A 63 -18.10 -12.02 -11.36
N SER A 64 -18.05 -11.28 -10.26
CA SER A 64 -17.44 -11.80 -9.05
C SER A 64 -18.43 -11.78 -7.87
N VAL A 65 -18.02 -12.42 -6.77
CA VAL A 65 -18.87 -12.56 -5.60
C VAL A 65 -18.09 -11.95 -4.43
N ILE A 66 -18.70 -10.94 -3.79
CA ILE A 66 -18.01 -10.33 -2.66
C ILE A 66 -18.37 -11.10 -1.38
N VAL A 67 -17.34 -11.60 -0.67
CA VAL A 67 -17.56 -12.40 0.52
C VAL A 67 -17.13 -11.57 1.72
N THR A 68 -18.08 -11.23 2.58
CA THR A 68 -17.69 -10.38 3.69
C THR A 68 -17.97 -10.98 5.07
N SER A 69 -18.02 -12.31 5.27
CA SER A 69 -18.07 -12.84 6.63
C SER A 69 -16.67 -13.19 7.10
N PRO A 70 -16.32 -13.05 8.41
CA PRO A 70 -14.99 -13.48 8.88
C PRO A 70 -14.76 -14.99 8.71
N GLU A 71 -15.85 -15.78 8.75
CA GLU A 71 -15.75 -17.23 8.50
C GLU A 71 -15.16 -17.47 7.09
N SER A 72 -15.66 -16.75 6.07
CA SER A 72 -15.11 -16.84 4.71
C SER A 72 -13.70 -16.27 4.63
N VAL A 73 -13.47 -15.15 5.32
CA VAL A 73 -12.13 -14.56 5.28
C VAL A 73 -11.11 -15.60 5.74
N LYS A 74 -11.36 -16.19 6.90
CA LYS A 74 -10.53 -17.24 7.47
C LYS A 74 -10.41 -18.45 6.53
N LYS A 75 -11.54 -19.01 6.05
CA LYS A 75 -11.47 -20.20 5.18
C LYS A 75 -10.61 -19.97 3.93
N PHE A 76 -10.79 -18.82 3.26
CA PHE A 76 -10.18 -18.67 1.94
C PHE A 76 -8.76 -18.10 1.98
N LEU A 77 -8.49 -17.14 2.86
CA LEU A 77 -7.21 -16.43 2.85
C LEU A 77 -6.16 -17.21 3.63
N MET A 78 -6.62 -18.04 4.58
CA MET A 78 -5.70 -18.71 5.48
C MET A 78 -5.31 -20.10 4.98
N SER A 79 -5.66 -20.43 3.73
CA SER A 79 -5.31 -21.74 3.22
C SER A 79 -4.64 -21.59 1.86
N THR A 80 -3.57 -22.38 1.67
CA THR A 80 -2.81 -22.40 0.41
C THR A 80 -3.58 -23.18 -0.66
N LYS A 81 -4.71 -23.79 -0.31
CA LYS A 81 -5.57 -24.44 -1.29
C LYS A 81 -6.22 -23.39 -2.20
N TYR A 82 -6.36 -22.16 -1.69
CA TYR A 82 -6.99 -21.11 -2.45
C TYR A 82 -5.91 -20.14 -2.95
N ASN A 83 -5.89 -19.94 -4.26
CA ASN A 83 -4.95 -19.02 -4.87
C ASN A 83 -5.67 -17.87 -5.56
N LYS A 84 -4.89 -16.87 -6.00
CA LYS A 84 -5.38 -15.63 -6.56
C LYS A 84 -5.98 -15.91 -7.93
N ASP A 85 -7.01 -15.15 -8.30
CA ASP A 85 -7.62 -15.36 -9.60
C ASP A 85 -6.83 -14.62 -10.69
N SER A 86 -6.21 -15.36 -11.61
CA SER A 86 -5.35 -14.73 -12.60
C SER A 86 -6.14 -13.84 -13.57
N LYS A 87 -7.45 -14.10 -13.73
CA LYS A 87 -8.26 -13.28 -14.61
C LYS A 87 -8.41 -11.87 -14.02
N MET A 88 -8.36 -11.77 -12.68
CA MET A 88 -8.44 -10.47 -12.03
C MET A 88 -7.08 -9.75 -12.08
N TYR A 89 -5.97 -10.48 -11.85
CA TYR A 89 -4.65 -9.86 -11.77
C TYR A 89 -4.06 -9.59 -13.15
N ARG A 90 -4.77 -9.97 -14.22
CA ARG A 90 -4.26 -9.68 -15.56
C ARG A 90 -4.13 -8.17 -15.77
N ALA A 91 -4.96 -7.40 -15.05
CA ALA A 91 -4.98 -5.95 -15.19
C ALA A 91 -3.73 -5.30 -14.60
N LEU A 92 -3.02 -6.02 -13.72
CA LEU A 92 -1.71 -5.61 -13.24
C LEU A 92 -0.59 -6.13 -14.15
N GLN A 93 -0.80 -7.32 -14.75
CA GLN A 93 0.25 -7.99 -15.52
C GLN A 93 0.66 -7.15 -16.73
N THR A 94 -0.37 -6.62 -17.41
CA THR A 94 -0.28 -5.98 -18.71
C THR A 94 -1.29 -4.85 -18.73
N VAL A 95 -0.87 -3.70 -19.25
CA VAL A 95 -1.75 -2.55 -19.34
C VAL A 95 -1.65 -1.95 -20.74
N PHE A 96 -2.82 -1.79 -21.38
CA PHE A 96 -2.94 -1.45 -22.80
C PHE A 96 -1.84 -2.11 -23.62
N GLY A 97 -1.54 -3.38 -23.28
CA GLY A 97 -0.71 -4.21 -24.14
C GLY A 97 0.78 -4.11 -23.80
N GLU A 98 1.11 -3.35 -22.74
CA GLU A 98 2.49 -3.19 -22.30
C GLU A 98 2.64 -3.94 -20.98
N ARG A 99 3.70 -4.76 -20.89
CA ARG A 99 4.00 -5.55 -19.71
C ARG A 99 4.36 -4.61 -18.56
N LEU A 100 3.63 -4.74 -17.44
CA LEU A 100 3.80 -3.85 -16.30
C LEU A 100 4.34 -4.66 -15.12
N PHE A 101 3.46 -5.25 -14.28
CA PHE A 101 3.90 -6.08 -13.18
C PHE A 101 4.28 -7.50 -13.62
N GLY A 102 3.88 -7.89 -14.84
CA GLY A 102 4.12 -9.21 -15.42
C GLY A 102 3.85 -10.38 -14.47
N GLN A 103 4.86 -11.25 -14.28
CA GLN A 103 4.69 -12.39 -13.40
C GLN A 103 5.46 -12.18 -12.09
N GLY A 104 5.54 -10.91 -11.67
CA GLY A 104 6.17 -10.55 -10.41
C GLY A 104 5.43 -11.05 -9.17
N LEU A 105 5.97 -10.68 -7.99
CA LEU A 105 5.53 -11.28 -6.73
C LEU A 105 4.05 -11.03 -6.42
N VAL A 106 3.51 -9.86 -6.81
CA VAL A 106 2.11 -9.53 -6.56
C VAL A 106 1.18 -10.24 -7.55
N SER A 107 1.58 -10.26 -8.80
CA SER A 107 0.63 -10.59 -9.86
C SER A 107 0.77 -12.04 -10.33
N GLU A 108 1.84 -12.76 -9.90
CA GLU A 108 1.96 -14.20 -10.15
C GLU A 108 0.90 -14.95 -9.34
N CYS A 109 0.10 -15.78 -10.02
CA CYS A 109 -1.05 -16.43 -9.38
C CYS A 109 -0.84 -17.94 -9.21
N ASN A 110 0.15 -18.50 -9.88
CA ASN A 110 0.46 -19.92 -9.67
C ASN A 110 1.26 -20.09 -8.38
N TYR A 111 0.73 -20.94 -7.48
CA TYR A 111 1.36 -21.18 -6.20
C TYR A 111 2.86 -21.45 -6.31
N GLU A 112 3.26 -22.40 -7.17
CA GLU A 112 4.65 -22.86 -7.17
C GLU A 112 5.62 -21.79 -7.70
N ARG A 113 5.25 -21.10 -8.77
CA ARG A 113 6.04 -19.98 -9.28
C ARG A 113 6.09 -18.84 -8.25
N TRP A 114 4.98 -18.61 -7.53
CA TRP A 114 4.93 -17.56 -6.51
C TRP A 114 5.93 -17.90 -5.39
N HIS A 115 5.89 -19.18 -4.96
CA HIS A 115 6.55 -19.67 -3.76
C HIS A 115 8.06 -19.59 -3.96
N LYS A 116 8.53 -19.97 -5.15
CA LYS A 116 9.95 -19.97 -5.51
C LYS A 116 10.54 -18.56 -5.31
N GLN A 117 9.83 -17.52 -5.76
CA GLN A 117 10.36 -16.16 -5.66
C GLN A 117 10.13 -15.59 -4.26
N ARG A 118 9.03 -15.96 -3.63
CA ARG A 118 8.76 -15.48 -2.29
C ARG A 118 9.91 -15.84 -1.34
N ARG A 119 10.39 -17.10 -1.41
CA ARG A 119 11.34 -17.60 -0.43
C ARG A 119 12.69 -16.88 -0.57
N VAL A 120 13.08 -16.61 -1.83
CA VAL A 120 14.31 -15.88 -2.10
C VAL A 120 14.18 -14.43 -1.63
N ILE A 121 13.05 -13.76 -1.96
CA ILE A 121 12.93 -12.34 -1.68
C ILE A 121 12.70 -12.09 -0.18
N ASP A 122 12.04 -13.02 0.51
CA ASP A 122 11.89 -13.02 1.96
C ASP A 122 13.18 -12.68 2.71
N LEU A 123 14.36 -13.09 2.19
CA LEU A 123 15.64 -12.83 2.82
C LEU A 123 15.85 -11.33 3.07
N ALA A 124 15.32 -10.47 2.18
CA ALA A 124 15.49 -9.02 2.30
C ALA A 124 14.54 -8.43 3.33
N PHE A 125 13.68 -9.27 3.92
CA PHE A 125 12.68 -8.73 4.82
C PHE A 125 12.84 -9.32 6.22
N SER A 126 14.00 -9.92 6.51
CA SER A 126 14.25 -10.45 7.84
C SER A 126 14.39 -9.29 8.81
N ARG A 127 14.32 -9.61 10.11
CA ARG A 127 14.53 -8.62 11.15
C ARG A 127 15.90 -7.93 10.91
N SER A 128 16.96 -8.72 10.67
CA SER A 128 18.29 -8.15 10.52
C SER A 128 18.41 -7.22 9.31
N SER A 129 17.78 -7.59 8.18
CA SER A 129 17.68 -6.75 6.99
C SER A 129 16.98 -5.42 7.31
N LEU A 130 15.81 -5.50 7.96
CA LEU A 130 14.99 -4.31 8.13
C LEU A 130 15.65 -3.33 9.09
N VAL A 131 16.33 -3.85 10.12
CA VAL A 131 16.92 -3.02 11.15
C VAL A 131 17.92 -2.07 10.49
N SER A 132 18.64 -2.57 9.49
CA SER A 132 19.68 -1.78 8.83
C SER A 132 19.09 -0.65 7.99
N LEU A 133 17.78 -0.69 7.69
CA LEU A 133 17.14 0.34 6.87
C LEU A 133 16.73 1.56 7.69
N MET A 134 16.90 1.51 9.01
CA MET A 134 16.45 2.58 9.88
C MET A 134 17.16 3.91 9.54
N GLU A 135 18.43 3.81 9.14
CA GLU A 135 19.23 4.96 8.74
C GLU A 135 18.57 5.69 7.57
N THR A 136 18.19 4.94 6.53
CA THR A 136 17.53 5.52 5.38
C THR A 136 16.20 6.15 5.80
N PHE A 137 15.41 5.43 6.61
CA PHE A 137 14.13 5.98 7.05
C PHE A 137 14.35 7.32 7.75
N ASN A 138 15.37 7.38 8.61
CA ASN A 138 15.66 8.54 9.43
C ASN A 138 16.10 9.70 8.54
N GLU A 139 16.96 9.43 7.57
CA GLU A 139 17.54 10.48 6.72
C GLU A 139 16.47 11.15 5.88
N LYS A 140 15.56 10.36 5.29
CA LYS A 140 14.57 10.92 4.38
C LYS A 140 13.46 11.64 5.16
N ALA A 141 13.11 11.09 6.34
CA ALA A 141 12.11 11.71 7.23
C ALA A 141 12.65 13.06 7.70
N GLU A 142 13.94 13.09 8.01
CA GLU A 142 14.56 14.32 8.51
C GLU A 142 14.56 15.36 7.39
N GLN A 143 14.83 14.91 6.16
CA GLN A 143 14.87 15.83 5.04
C GLN A 143 13.48 16.41 4.81
N LEU A 144 12.44 15.56 4.92
CA LEU A 144 11.08 16.05 4.72
C LEU A 144 10.73 17.11 5.79
N VAL A 145 10.99 16.81 7.06
CA VAL A 145 10.66 17.76 8.12
C VAL A 145 11.44 19.07 7.97
N GLU A 146 12.73 19.01 7.60
CA GLU A 146 13.48 20.24 7.39
C GLU A 146 12.83 21.08 6.28
N ILE A 147 12.34 20.43 5.21
CA ILE A 147 11.66 21.13 4.12
C ILE A 147 10.34 21.75 4.60
N LEU A 148 9.56 21.02 5.39
CA LEU A 148 8.27 21.51 5.88
C LEU A 148 8.49 22.64 6.90
N GLU A 149 9.52 22.51 7.76
CA GLU A 149 9.74 23.48 8.82
C GLU A 149 9.98 24.86 8.20
N ALA A 150 10.70 24.90 7.07
CA ALA A 150 10.97 26.15 6.36
C ALA A 150 9.70 26.82 5.81
N LYS A 151 8.58 26.08 5.70
CA LYS A 151 7.35 26.64 5.15
C LYS A 151 6.30 26.81 6.24
N ALA A 152 6.69 26.61 7.50
CA ALA A 152 5.73 26.58 8.60
C ALA A 152 5.39 28.00 9.12
N ASP A 153 4.84 28.84 8.23
CA ASP A 153 4.44 30.22 8.53
C ASP A 153 2.93 30.35 8.79
N GLY A 154 2.21 29.21 8.86
CA GLY A 154 0.77 29.20 9.13
C GLY A 154 -0.07 29.78 8.00
N GLN A 155 0.49 29.88 6.79
CA GLN A 155 -0.15 30.59 5.69
C GLN A 155 0.12 29.90 4.35
N THR A 156 1.34 29.43 4.14
CA THR A 156 1.72 28.83 2.88
C THR A 156 1.03 27.47 2.76
N PRO A 157 0.20 27.22 1.69
CA PRO A 157 -0.48 25.94 1.51
C PRO A 157 0.55 24.91 1.06
N VAL A 158 0.58 23.77 1.75
CA VAL A 158 1.50 22.68 1.42
C VAL A 158 0.67 21.43 1.08
N SER A 159 0.85 20.87 -0.12
CA SER A 159 0.23 19.57 -0.39
C SER A 159 0.95 18.46 0.36
N MET A 160 0.31 17.94 1.40
CA MET A 160 0.95 16.89 2.16
C MET A 160 0.89 15.59 1.35
N GLN A 161 -0.11 15.47 0.47
CA GLN A 161 -0.14 14.30 -0.39
C GLN A 161 1.16 14.23 -1.20
N ASP A 162 1.49 15.30 -1.93
CA ASP A 162 2.70 15.35 -2.74
C ASP A 162 3.97 15.11 -1.92
N MET A 163 4.13 15.86 -0.82
CA MET A 163 5.35 15.77 -0.03
C MET A 163 5.53 14.33 0.44
N LEU A 164 4.42 13.68 0.84
CA LEU A 164 4.56 12.36 1.41
C LEU A 164 4.90 11.34 0.33
N THR A 165 4.36 11.51 -0.89
N THR A 165 4.39 11.55 -0.89
CA THR A 165 4.68 10.57 -1.98
CA THR A 165 4.66 10.61 -1.96
C THR A 165 6.15 10.67 -2.37
C THR A 165 6.14 10.68 -2.35
N TYR A 166 6.68 11.90 -2.38
CA TYR A 166 8.07 12.15 -2.73
C TYR A 166 8.99 11.51 -1.68
N THR A 167 8.58 11.63 -0.41
CA THR A 167 9.39 11.03 0.66
C THR A 167 9.33 9.52 0.54
N ALA A 168 8.15 8.98 0.27
CA ALA A 168 7.99 7.53 0.19
C ALA A 168 8.85 7.03 -0.98
N MET A 169 8.82 7.77 -2.09
CA MET A 169 9.53 7.32 -3.26
C MET A 169 11.05 7.41 -3.00
N ASP A 170 11.51 8.49 -2.36
CA ASP A 170 12.94 8.65 -2.09
C ASP A 170 13.42 7.55 -1.14
N ILE A 171 12.59 7.20 -0.15
CA ILE A 171 12.91 6.11 0.77
C ILE A 171 13.06 4.78 0.02
N LEU A 172 12.06 4.44 -0.81
CA LEU A 172 12.03 3.15 -1.48
C LEU A 172 13.24 3.02 -2.40
N ALA A 173 13.47 4.04 -3.23
CA ALA A 173 14.56 4.04 -4.18
C ALA A 173 15.89 3.72 -3.48
N LYS A 174 16.16 4.42 -2.38
CA LYS A 174 17.43 4.23 -1.71
C LYS A 174 17.47 2.89 -1.00
N ALA A 175 16.38 2.57 -0.27
CA ALA A 175 16.36 1.41 0.61
C ALA A 175 16.42 0.10 -0.20
N ALA A 176 15.59 0.00 -1.25
CA ALA A 176 15.42 -1.24 -2.00
C ALA A 176 16.44 -1.35 -3.13
N PHE A 177 16.89 -0.20 -3.68
CA PHE A 177 17.67 -0.21 -4.92
C PHE A 177 19.02 0.50 -4.82
N GLY A 178 19.30 1.18 -3.73
CA GLY A 178 20.57 1.90 -3.62
C GLY A 178 20.64 3.14 -4.49
N MET A 179 19.49 3.68 -4.93
CA MET A 179 19.51 4.85 -5.80
C MET A 179 18.98 6.10 -5.08
N GLU A 180 19.52 7.27 -5.44
CA GLU A 180 19.10 8.55 -4.86
C GLU A 180 18.23 9.31 -5.87
N THR A 181 16.90 9.27 -5.69
CA THR A 181 16.00 9.88 -6.66
C THR A 181 15.88 11.40 -6.51
N SER A 182 15.98 11.90 -5.27
CA SER A 182 15.96 13.32 -4.92
C SER A 182 14.66 14.04 -5.30
N MET A 183 13.54 13.32 -5.29
CA MET A 183 12.23 13.88 -5.60
C MET A 183 11.83 14.96 -4.61
N LEU A 184 12.25 14.81 -3.34
CA LEU A 184 12.08 15.80 -2.29
C LEU A 184 12.72 17.15 -2.66
N LEU A 185 13.58 17.17 -3.68
CA LEU A 185 14.24 18.40 -4.05
C LEU A 185 13.79 18.81 -5.45
N GLY A 186 12.73 18.17 -5.93
CA GLY A 186 12.19 18.52 -7.22
C GLY A 186 12.83 17.75 -8.36
N ALA A 187 13.75 16.81 -8.09
CA ALA A 187 14.35 16.04 -9.17
C ALA A 187 13.39 14.94 -9.67
N GLN A 188 13.66 14.46 -10.89
CA GLN A 188 13.03 13.26 -11.42
C GLN A 188 11.54 13.48 -11.65
N LYS A 189 11.18 14.63 -12.23
CA LYS A 189 9.77 14.95 -12.40
C LYS A 189 9.14 13.98 -13.42
N PRO A 190 9.82 13.63 -14.53
CA PRO A 190 9.29 12.65 -15.48
C PRO A 190 8.94 11.34 -14.77
N LEU A 191 9.85 10.89 -13.90
CA LEU A 191 9.70 9.64 -13.19
C LEU A 191 8.39 9.65 -12.38
N SER A 192 8.11 10.77 -11.71
CA SER A 192 6.90 10.86 -10.91
C SER A 192 5.68 10.92 -11.82
N GLN A 193 5.84 11.61 -12.96
CA GLN A 193 4.82 11.69 -13.98
C GLN A 193 4.44 10.30 -14.49
N ALA A 194 5.46 9.47 -14.73
CA ALA A 194 5.27 8.15 -15.32
C ALA A 194 4.48 7.28 -14.34
N VAL A 195 4.82 7.37 -13.05
CA VAL A 195 4.15 6.55 -12.07
C VAL A 195 2.68 6.99 -12.04
N LYS A 196 2.48 8.32 -12.07
CA LYS A 196 1.12 8.87 -12.01
C LYS A 196 0.30 8.39 -13.22
N LEU A 197 0.88 8.46 -14.41
CA LEU A 197 0.12 8.07 -15.58
C LEU A 197 -0.14 6.56 -15.62
N MET A 198 0.75 5.77 -15.01
CA MET A 198 0.59 4.33 -15.08
C MET A 198 -0.48 3.87 -14.10
N LEU A 199 -0.57 4.54 -12.94
CA LEU A 199 -1.62 4.25 -11.96
C LEU A 199 -2.99 4.56 -12.57
N GLU A 200 -3.12 5.73 -13.22
CA GLU A 200 -4.35 6.10 -13.89
C GLU A 200 -4.69 5.09 -14.99
N GLY A 201 -3.66 4.54 -15.63
CA GLY A 201 -3.84 3.55 -16.69
C GLY A 201 -4.43 2.24 -16.18
N ILE A 202 -4.03 1.83 -14.95
CA ILE A 202 -4.59 0.64 -14.35
C ILE A 202 -6.12 0.78 -14.25
N THR A 203 -6.58 1.93 -13.73
CA THR A 203 -8.00 2.16 -13.49
C THR A 203 -8.73 2.34 -14.81
N ALA A 204 -8.09 2.99 -15.78
CA ALA A 204 -8.72 3.26 -17.06
C ALA A 204 -9.25 1.96 -17.68
N SER A 205 -8.40 0.93 -17.72
CA SER A 205 -8.76 -0.33 -18.38
C SER A 205 -9.66 -1.19 -17.49
N ARG A 206 -9.37 -1.18 -16.19
CA ARG A 206 -10.07 -2.01 -15.21
C ARG A 206 -11.38 -1.34 -14.83
N LYS A 216 -8.56 9.01 -25.41
CA LYS A 216 -8.37 7.65 -26.00
C LYS A 216 -7.01 7.59 -26.67
N ARG A 217 -6.93 8.08 -27.92
CA ARG A 217 -5.75 7.97 -28.75
C ARG A 217 -4.47 8.28 -27.95
N LYS A 218 -4.41 9.45 -27.32
CA LYS A 218 -3.18 9.93 -26.72
C LYS A 218 -3.12 9.59 -25.23
N GLN A 219 -4.25 9.17 -24.64
CA GLN A 219 -4.19 8.71 -23.27
C GLN A 219 -3.50 7.35 -23.28
N LEU A 220 -3.81 6.58 -24.33
CA LEU A 220 -3.18 5.29 -24.59
C LEU A 220 -1.67 5.46 -24.72
N ARG A 221 -1.24 6.48 -25.51
CA ARG A 221 0.16 6.81 -25.72
C ARG A 221 0.87 7.21 -24.43
N GLU A 222 0.26 8.11 -23.64
CA GLU A 222 0.83 8.56 -22.39
C GLU A 222 1.02 7.36 -21.46
N VAL A 223 0.05 6.46 -21.43
CA VAL A 223 0.09 5.34 -20.52
C VAL A 223 1.21 4.38 -20.95
N ARG A 224 1.24 4.06 -22.26
CA ARG A 224 2.08 3.00 -22.79
C ARG A 224 3.54 3.38 -22.59
N GLU A 225 3.85 4.64 -22.91
CA GLU A 225 5.17 5.23 -22.76
C GLU A 225 5.62 5.17 -21.30
N SER A 226 4.74 5.53 -20.38
CA SER A 226 5.07 5.57 -18.95
C SER A 226 5.50 4.19 -18.45
N ILE A 227 4.82 3.14 -18.95
CA ILE A 227 5.09 1.79 -18.51
C ILE A 227 6.48 1.37 -19.01
N ARG A 228 6.76 1.65 -20.30
CA ARG A 228 8.06 1.40 -20.89
C ARG A 228 9.16 2.21 -20.19
N PHE A 229 8.91 3.49 -19.95
CA PHE A 229 9.81 4.29 -19.13
C PHE A 229 10.20 3.56 -17.84
N LEU A 230 9.19 3.17 -17.07
CA LEU A 230 9.37 2.49 -15.80
C LEU A 230 10.24 1.25 -15.99
N ARG A 231 9.99 0.46 -17.05
CA ARG A 231 10.80 -0.72 -17.29
C ARG A 231 12.22 -0.34 -17.72
N GLN A 232 12.36 0.78 -18.43
CA GLN A 232 13.67 1.21 -18.89
C GLN A 232 14.53 1.71 -17.74
N VAL A 233 13.92 2.43 -16.78
CA VAL A 233 14.57 2.76 -15.52
C VAL A 233 15.13 1.49 -14.87
N GLY A 234 14.28 0.47 -14.70
CA GLY A 234 14.69 -0.84 -14.24
C GLY A 234 15.98 -1.38 -14.88
N ARG A 235 16.00 -1.44 -16.21
CA ARG A 235 17.16 -1.94 -16.93
C ARG A 235 18.38 -1.07 -16.63
N ASP A 236 18.16 0.23 -16.43
CA ASP A 236 19.24 1.15 -16.14
C ASP A 236 19.90 0.80 -14.81
N TRP A 237 19.11 0.77 -13.73
CA TRP A 237 19.63 0.52 -12.39
C TRP A 237 20.25 -0.88 -12.31
N VAL A 238 19.67 -1.84 -13.04
CA VAL A 238 20.16 -3.21 -12.98
C VAL A 238 21.54 -3.28 -13.62
N GLN A 239 21.70 -2.59 -14.76
CA GLN A 239 22.96 -2.43 -15.46
C GLN A 239 23.99 -1.76 -14.54
N ARG A 240 23.55 -0.71 -13.83
CA ARG A 240 24.38 0.01 -12.87
C ARG A 240 24.85 -0.93 -11.77
N ARG A 241 23.91 -1.70 -11.21
CA ARG A 241 24.20 -2.65 -10.14
C ARG A 241 25.20 -3.70 -10.62
N ARG A 242 25.05 -4.12 -11.88
CA ARG A 242 25.91 -5.15 -12.45
C ARG A 242 27.33 -4.63 -12.64
N GLU A 243 27.45 -3.35 -13.06
CA GLU A 243 28.74 -2.71 -13.29
C GLU A 243 29.49 -2.61 -11.97
N ALA A 244 28.78 -2.13 -10.94
CA ALA A 244 29.35 -1.91 -9.62
C ALA A 244 29.93 -3.22 -9.09
N LEU A 245 29.18 -4.32 -9.25
CA LEU A 245 29.54 -5.61 -8.71
C LEU A 245 30.82 -6.14 -9.35
N LYS A 246 30.98 -5.89 -10.66
CA LYS A 246 32.03 -6.50 -11.46
C LYS A 246 33.41 -6.11 -10.93
N ARG A 247 33.76 -4.83 -11.05
CA ARG A 247 34.96 -4.32 -10.41
C ARG A 247 34.63 -4.06 -8.94
N GLY A 248 33.92 -5.03 -8.34
CA GLY A 248 33.61 -5.13 -6.92
C GLY A 248 33.70 -3.81 -6.18
N GLU A 249 32.80 -2.88 -6.52
CA GLU A 249 32.60 -1.70 -5.71
C GLU A 249 31.82 -2.12 -4.48
N GLU A 250 31.57 -1.18 -3.56
CA GLU A 250 30.79 -1.47 -2.37
C GLU A 250 29.31 -1.47 -2.75
N VAL A 251 28.65 -2.63 -2.60
CA VAL A 251 27.30 -2.84 -3.12
C VAL A 251 26.45 -3.51 -2.04
N PRO A 252 25.75 -2.76 -1.16
CA PRO A 252 25.06 -3.34 -0.01
C PRO A 252 23.79 -4.15 -0.32
N ALA A 253 23.71 -5.37 0.25
CA ALA A 253 22.59 -6.27 0.07
C ALA A 253 21.26 -5.58 0.40
N ASP A 254 20.31 -5.72 -0.52
CA ASP A 254 19.01 -5.08 -0.41
C ASP A 254 17.99 -5.96 -1.12
N ILE A 255 16.80 -5.40 -1.33
CA ILE A 255 15.72 -6.01 -2.08
C ILE A 255 16.18 -6.35 -3.50
N LEU A 256 16.90 -5.42 -4.14
CA LEU A 256 17.43 -5.66 -5.48
C LEU A 256 18.33 -6.90 -5.49
N THR A 257 19.18 -7.05 -4.47
CA THR A 257 20.07 -8.21 -4.40
C THR A 257 19.23 -9.49 -4.54
N GLN A 258 18.10 -9.54 -3.83
CA GLN A 258 17.30 -10.75 -3.79
C GLN A 258 16.53 -10.96 -5.09
N ILE A 259 16.06 -9.88 -5.73
CA ILE A 259 15.24 -10.06 -6.92
C ILE A 259 16.16 -10.53 -8.06
N LEU A 260 17.41 -10.07 -8.02
CA LEU A 260 18.44 -10.56 -8.92
C LEU A 260 18.68 -12.04 -8.65
N LYS A 261 18.79 -12.40 -7.37
CA LYS A 261 19.08 -13.76 -6.94
C LYS A 261 17.96 -14.71 -7.39
N ALA A 262 16.71 -14.22 -7.42
CA ALA A 262 15.57 -15.03 -7.80
C ALA A 262 15.65 -15.41 -9.28
N GLU A 263 16.38 -14.61 -10.07
CA GLU A 263 16.40 -14.75 -11.52
C GLU A 263 17.73 -15.36 -11.97
N GLU A 264 18.55 -15.79 -11.00
CA GLU A 264 19.87 -16.32 -11.29
C GLU A 264 19.71 -17.47 -12.29
N GLY A 265 20.35 -17.32 -13.47
CA GLY A 265 20.31 -18.32 -14.53
C GLY A 265 18.98 -18.40 -15.27
N ALA A 266 18.17 -17.33 -15.22
CA ALA A 266 16.99 -17.18 -16.08
C ALA A 266 17.44 -16.93 -17.52
N GLN A 267 16.52 -17.05 -18.48
CA GLN A 267 16.88 -17.02 -19.89
C GLN A 267 16.99 -15.59 -20.43
N ASP A 268 16.28 -14.65 -19.79
CA ASP A 268 16.37 -13.24 -20.12
C ASP A 268 15.95 -12.43 -18.90
N ASP A 269 15.76 -11.10 -19.02
CA ASP A 269 15.58 -10.28 -17.84
C ASP A 269 14.12 -9.89 -17.57
N GLU A 270 13.16 -10.54 -18.24
CA GLU A 270 11.78 -10.09 -18.09
C GLU A 270 11.27 -10.35 -16.67
N GLY A 271 11.65 -11.49 -16.08
CA GLY A 271 11.23 -11.83 -14.73
C GLY A 271 11.85 -10.88 -13.70
N LEU A 272 13.08 -10.46 -13.99
CA LEU A 272 13.80 -9.50 -13.18
C LEU A 272 13.09 -8.15 -13.22
N LEU A 273 12.71 -7.70 -14.42
CA LEU A 273 12.12 -6.37 -14.57
C LEU A 273 10.68 -6.36 -14.08
N ASP A 274 9.97 -7.50 -14.21
CA ASP A 274 8.68 -7.61 -13.53
C ASP A 274 8.81 -7.24 -12.06
N ASN A 275 9.80 -7.83 -11.37
CA ASN A 275 9.92 -7.54 -9.93
C ASN A 275 10.50 -6.16 -9.65
N PHE A 276 11.32 -5.62 -10.55
CA PHE A 276 11.81 -4.27 -10.36
C PHE A 276 10.63 -3.31 -10.24
N VAL A 277 9.77 -3.34 -11.25
CA VAL A 277 8.60 -2.48 -11.34
C VAL A 277 7.64 -2.73 -10.18
N THR A 278 7.39 -4.01 -9.92
CA THR A 278 6.52 -4.39 -8.81
C THR A 278 6.96 -3.68 -7.53
N PHE A 279 8.23 -3.83 -7.15
CA PHE A 279 8.72 -3.30 -5.89
C PHE A 279 8.92 -1.79 -5.99
N PHE A 280 9.30 -1.30 -7.17
CA PHE A 280 9.35 0.15 -7.38
C PHE A 280 8.00 0.76 -7.01
N ILE A 281 6.90 0.18 -7.51
CA ILE A 281 5.60 0.80 -7.27
C ILE A 281 5.09 0.42 -5.88
N ALA A 282 5.07 -0.89 -5.56
CA ALA A 282 4.36 -1.32 -4.36
C ALA A 282 5.06 -0.77 -3.11
N GLY A 283 6.38 -0.56 -3.23
CA GLY A 283 7.19 -0.15 -2.10
C GLY A 283 7.04 1.32 -1.74
N HIS A 284 6.34 2.13 -2.57
CA HIS A 284 6.03 3.48 -2.12
C HIS A 284 4.54 3.87 -2.18
N GLU A 285 3.77 3.40 -3.17
CA GLU A 285 2.46 3.97 -3.46
C GLU A 285 1.48 3.92 -2.26
N THR A 286 1.32 2.73 -1.67
CA THR A 286 0.42 2.52 -0.55
C THR A 286 0.94 3.17 0.74
N SER A 287 2.26 3.16 0.93
CA SER A 287 2.84 3.79 2.10
C SER A 287 2.49 5.29 2.07
N ALA A 288 2.64 5.89 0.89
CA ALA A 288 2.34 7.29 0.65
C ALA A 288 0.86 7.56 0.93
N ASN A 289 0.00 6.69 0.40
CA ASN A 289 -1.43 6.85 0.55
C ASN A 289 -1.83 6.77 2.02
N HIS A 290 -1.22 5.82 2.76
CA HIS A 290 -1.55 5.58 4.16
C HIS A 290 -1.09 6.78 4.98
N LEU A 291 0.08 7.32 4.63
CA LEU A 291 0.56 8.55 5.24
C LEU A 291 -0.40 9.72 5.02
N ALA A 292 -0.79 9.92 3.75
CA ALA A 292 -1.66 11.03 3.39
C ALA A 292 -2.98 10.93 4.17
N PHE A 293 -3.55 9.71 4.23
CA PHE A 293 -4.83 9.52 4.91
C PHE A 293 -4.69 9.77 6.41
N THR A 294 -3.55 9.35 7.00
CA THR A 294 -3.33 9.54 8.42
C THR A 294 -3.22 11.05 8.74
N VAL A 295 -2.36 11.78 8.03
CA VAL A 295 -2.31 13.24 8.18
C VAL A 295 -3.68 13.90 7.97
N MET A 296 -4.40 13.53 6.91
CA MET A 296 -5.71 14.11 6.67
C MET A 296 -6.65 13.89 7.88
N GLU A 297 -6.79 12.63 8.30
CA GLU A 297 -7.70 12.35 9.41
C GLU A 297 -7.28 13.08 10.71
N LEU A 298 -5.99 13.03 11.06
CA LEU A 298 -5.51 13.61 12.30
C LEU A 298 -5.74 15.13 12.34
N SER A 299 -5.88 15.78 11.17
CA SER A 299 -6.14 17.23 11.13
C SER A 299 -7.49 17.58 11.76
N ARG A 300 -8.41 16.61 11.90
CA ARG A 300 -9.64 16.86 12.67
C ARG A 300 -9.66 16.11 14.01
N GLN A 301 -8.49 15.68 14.50
CA GLN A 301 -8.47 14.91 15.73
C GLN A 301 -7.51 15.57 16.73
N PRO A 302 -7.74 16.81 17.20
CA PRO A 302 -6.71 17.51 18.00
C PRO A 302 -6.33 16.78 19.30
N GLU A 303 -7.29 16.10 19.94
CA GLU A 303 -7.01 15.41 21.19
C GLU A 303 -6.12 14.18 20.94
N ILE A 304 -6.37 13.43 19.88
CA ILE A 304 -5.46 12.37 19.51
C ILE A 304 -4.09 12.94 19.13
N VAL A 305 -4.06 14.05 18.38
CA VAL A 305 -2.79 14.65 18.03
C VAL A 305 -1.98 15.04 19.28
N ALA A 306 -2.66 15.60 20.29
CA ALA A 306 -1.99 16.02 21.52
C ALA A 306 -1.39 14.81 22.25
N ARG A 307 -2.09 13.66 22.20
CA ARG A 307 -1.61 12.43 22.83
C ARG A 307 -0.39 11.88 22.08
N LEU A 308 -0.42 11.99 20.76
CA LEU A 308 0.65 11.48 19.92
C LEU A 308 1.91 12.32 20.08
N GLN A 309 1.74 13.64 20.16
CA GLN A 309 2.82 14.60 20.37
C GLN A 309 3.49 14.31 21.71
N ALA A 310 2.66 14.09 22.75
CA ALA A 310 3.17 13.79 24.07
C ALA A 310 3.92 12.45 24.07
N GLU A 311 3.43 11.43 23.38
CA GLU A 311 4.09 10.13 23.39
C GLU A 311 5.50 10.31 22.78
N VAL A 312 5.55 10.95 21.61
CA VAL A 312 6.79 11.24 20.89
C VAL A 312 7.76 12.04 21.79
N ASP A 313 7.28 13.10 22.47
CA ASP A 313 8.11 13.87 23.38
C ASP A 313 8.71 12.97 24.47
N GLU A 314 7.92 12.03 24.98
CA GLU A 314 8.38 11.19 26.06
C GLU A 314 9.36 10.11 25.56
N VAL A 315 9.11 9.51 24.40
CA VAL A 315 9.96 8.37 24.06
C VAL A 315 11.26 8.82 23.40
N ILE A 316 11.20 9.77 22.45
CA ILE A 316 12.41 10.15 21.73
C ILE A 316 12.95 11.51 22.19
N GLY A 317 12.08 12.36 22.76
CA GLY A 317 12.48 13.66 23.28
C GLY A 317 12.93 14.57 22.15
N SER A 318 14.18 15.05 22.27
CA SER A 318 14.77 15.94 21.27
C SER A 318 15.56 15.18 20.21
N LYS A 319 16.07 13.98 20.54
CA LYS A 319 16.80 13.14 19.60
C LYS A 319 16.25 13.33 18.20
N ARG A 320 17.16 13.42 17.23
CA ARG A 320 16.86 13.67 15.84
C ARG A 320 16.81 12.33 15.10
N TYR A 321 16.93 11.25 15.85
CA TYR A 321 17.03 9.93 15.26
C TYR A 321 16.19 8.95 16.09
N LEU A 322 15.29 8.21 15.44
CA LEU A 322 14.63 7.09 16.10
C LEU A 322 15.45 5.83 15.87
N ASP A 323 15.76 5.10 16.93
CA ASP A 323 16.32 3.76 16.85
C ASP A 323 15.19 2.77 16.68
N PHE A 324 15.57 1.53 16.39
CA PHE A 324 14.64 0.43 16.30
C PHE A 324 13.86 0.28 17.60
N GLU A 325 14.54 0.27 18.76
CA GLU A 325 13.83 -0.04 19.99
C GLU A 325 12.83 1.08 20.32
N ASP A 326 13.12 2.29 19.84
CA ASP A 326 12.21 3.43 19.94
C ASP A 326 10.87 3.12 19.31
N LEU A 327 10.86 2.45 18.14
CA LEU A 327 9.65 2.32 17.34
C LEU A 327 8.62 1.54 18.15
N GLY A 328 9.07 0.48 18.82
CA GLY A 328 8.18 -0.40 19.57
C GLY A 328 7.58 0.32 20.78
N ARG A 329 8.23 1.40 21.22
CA ARG A 329 7.71 2.19 22.33
C ARG A 329 6.67 3.22 21.88
N LEU A 330 6.45 3.38 20.58
CA LEU A 330 5.47 4.33 20.09
C LEU A 330 4.12 3.61 19.91
N GLN A 331 3.58 3.14 21.06
CA GLN A 331 2.46 2.23 21.17
C GLN A 331 1.17 2.94 20.72
N TYR A 332 0.90 4.13 21.26
CA TYR A 332 -0.27 4.88 20.80
C TYR A 332 -0.21 5.21 19.32
N LEU A 333 0.96 5.62 18.81
CA LEU A 333 1.13 5.84 17.37
C LEU A 333 0.81 4.57 16.56
N SER A 334 1.29 3.41 17.01
CA SER A 334 0.94 2.13 16.38
C SER A 334 -0.57 1.99 16.27
N GLN A 335 -1.28 2.30 17.36
CA GLN A 335 -2.73 2.08 17.39
C GLN A 335 -3.44 3.00 16.40
N VAL A 336 -3.00 4.26 16.36
CA VAL A 336 -3.53 5.28 15.47
C VAL A 336 -3.35 4.86 14.01
N LEU A 337 -2.17 4.30 13.71
CA LEU A 337 -1.89 3.89 12.33
C LEU A 337 -2.77 2.68 11.95
N LYS A 338 -3.03 1.79 12.90
CA LYS A 338 -3.92 0.67 12.65
C LYS A 338 -5.36 1.14 12.38
N GLU A 339 -5.83 2.11 13.16
CA GLU A 339 -7.19 2.64 13.02
C GLU A 339 -7.28 3.37 11.68
N SER A 340 -6.20 4.04 11.28
CA SER A 340 -6.17 4.70 9.99
C SER A 340 -6.37 3.65 8.87
N LEU A 341 -5.73 2.48 9.01
CA LEU A 341 -5.86 1.45 7.97
C LEU A 341 -7.20 0.72 8.02
N ARG A 342 -7.92 0.78 9.15
CA ARG A 342 -9.27 0.22 9.18
C ARG A 342 -10.20 1.01 8.26
N LEU A 343 -10.18 2.34 8.37
CA LEU A 343 -11.07 3.22 7.66
C LEU A 343 -10.57 3.54 6.25
N TYR A 344 -9.25 3.54 6.08
CA TYR A 344 -8.61 4.01 4.84
C TYR A 344 -7.54 3.05 4.36
N PRO A 345 -7.90 1.79 4.03
CA PRO A 345 -6.91 0.85 3.49
C PRO A 345 -6.63 1.21 2.03
N PRO A 346 -5.38 1.62 1.66
CA PRO A 346 -5.08 1.98 0.26
C PRO A 346 -5.34 0.78 -0.67
N ALA A 347 -4.90 -0.42 -0.24
CA ALA A 347 -5.17 -1.68 -0.94
C ALA A 347 -6.37 -2.33 -0.28
N TRP A 348 -7.51 -2.21 -0.92
CA TRP A 348 -8.78 -2.43 -0.25
C TRP A 348 -9.11 -3.91 -0.06
N GLY A 349 -8.42 -4.80 -0.76
CA GLY A 349 -8.72 -6.22 -0.65
C GLY A 349 -7.95 -7.04 -1.69
N THR A 350 -8.54 -8.17 -2.11
CA THR A 350 -7.81 -9.20 -2.84
C THR A 350 -8.85 -10.16 -3.45
N PHE A 351 -8.41 -11.00 -4.39
CA PHE A 351 -9.30 -11.97 -5.01
C PHE A 351 -8.72 -13.37 -4.83
N ARG A 352 -9.60 -14.35 -4.64
CA ARG A 352 -9.19 -15.74 -4.78
C ARG A 352 -10.11 -16.41 -5.80
N LEU A 353 -9.58 -17.43 -6.49
CA LEU A 353 -10.37 -18.24 -7.41
C LEU A 353 -11.05 -19.37 -6.63
N LEU A 354 -12.37 -19.45 -6.76
CA LEU A 354 -13.05 -20.63 -6.25
C LEU A 354 -13.16 -21.64 -7.39
N GLU A 355 -12.50 -22.79 -7.22
CA GLU A 355 -12.42 -23.74 -8.32
C GLU A 355 -13.69 -24.57 -8.39
N GLU A 356 -14.26 -24.95 -7.24
CA GLU A 356 -15.38 -25.88 -7.27
C GLU A 356 -16.63 -25.24 -6.69
N GLU A 357 -17.80 -25.63 -7.17
CA GLU A 357 -19.01 -25.06 -6.57
C GLU A 357 -18.92 -25.30 -5.05
N THR A 358 -19.23 -24.29 -4.26
CA THR A 358 -19.11 -24.32 -2.81
C THR A 358 -20.29 -23.58 -2.19
N LEU A 359 -20.78 -24.10 -1.06
CA LEU A 359 -21.73 -23.35 -0.22
C LEU A 359 -20.95 -22.34 0.61
N ILE A 360 -21.32 -21.05 0.51
CA ILE A 360 -20.65 -19.99 1.25
C ILE A 360 -21.72 -19.21 1.99
N ASP A 361 -21.74 -19.37 3.32
CA ASP A 361 -22.69 -18.74 4.22
C ASP A 361 -24.10 -18.91 3.67
N GLY A 362 -24.44 -20.15 3.32
CA GLY A 362 -25.80 -20.48 2.91
C GLY A 362 -26.09 -20.09 1.46
N VAL A 363 -25.06 -19.67 0.70
CA VAL A 363 -25.27 -19.37 -0.71
C VAL A 363 -24.47 -20.35 -1.54
N ARG A 364 -25.07 -20.84 -2.61
CA ARG A 364 -24.43 -21.71 -3.57
C ARG A 364 -23.63 -20.84 -4.55
N VAL A 365 -22.29 -20.90 -4.44
CA VAL A 365 -21.41 -20.19 -5.35
C VAL A 365 -20.84 -21.17 -6.38
N PRO A 366 -21.16 -20.98 -7.68
CA PRO A 366 -20.70 -21.89 -8.74
C PRO A 366 -19.18 -21.93 -8.86
N GLY A 367 -18.62 -23.00 -9.41
CA GLY A 367 -17.18 -23.06 -9.54
C GLY A 367 -16.67 -22.12 -10.65
N ASN A 368 -15.35 -21.87 -10.63
CA ASN A 368 -14.72 -20.95 -11.55
C ASN A 368 -15.27 -19.54 -11.33
N THR A 369 -15.12 -19.03 -10.10
CA THR A 369 -15.71 -17.76 -9.70
C THR A 369 -14.68 -16.97 -8.90
N PRO A 370 -14.44 -15.69 -9.27
CA PRO A 370 -13.58 -14.84 -8.46
C PRO A 370 -14.29 -14.42 -7.17
N LEU A 371 -13.66 -14.69 -6.01
CA LEU A 371 -14.17 -14.22 -4.73
C LEU A 371 -13.40 -12.93 -4.38
N LEU A 372 -14.14 -11.86 -4.13
CA LEU A 372 -13.62 -10.56 -3.71
C LEU A 372 -13.80 -10.37 -2.20
N PHE A 373 -12.66 -10.14 -1.50
CA PHE A 373 -12.58 -9.85 -0.09
C PHE A 373 -12.19 -8.37 0.04
N SER A 374 -12.81 -7.66 1.00
CA SER A 374 -12.61 -6.23 1.14
C SER A 374 -12.53 -5.84 2.61
N THR A 375 -11.32 -5.45 3.05
CA THR A 375 -11.13 -4.93 4.40
C THR A 375 -11.76 -3.55 4.50
N TYR A 376 -11.91 -2.86 3.38
CA TYR A 376 -12.60 -1.57 3.37
C TYR A 376 -14.06 -1.77 3.77
N VAL A 377 -14.74 -2.72 3.12
CA VAL A 377 -16.15 -2.96 3.41
C VAL A 377 -16.32 -3.42 4.86
N MET A 378 -15.59 -4.46 5.28
CA MET A 378 -15.80 -5.01 6.61
C MET A 378 -15.46 -3.99 7.70
N GLY A 379 -14.44 -3.16 7.44
CA GLY A 379 -14.06 -2.08 8.34
C GLY A 379 -15.20 -1.09 8.60
N ARG A 380 -16.14 -0.97 7.65
CA ARG A 380 -17.18 0.03 7.80
C ARG A 380 -18.54 -0.57 8.16
N MET A 381 -18.57 -1.85 8.53
CA MET A 381 -19.84 -2.49 8.86
C MET A 381 -19.98 -2.58 10.37
N ASP A 382 -21.16 -2.17 10.84
CA ASP A 382 -21.36 -2.12 12.27
C ASP A 382 -21.50 -3.52 12.85
N THR A 383 -21.78 -4.54 12.03
CA THR A 383 -21.74 -5.88 12.62
C THR A 383 -20.31 -6.25 13.01
N TYR A 384 -19.28 -5.58 12.46
CA TYR A 384 -17.93 -5.99 12.78
C TYR A 384 -17.22 -4.96 13.67
N PHE A 385 -17.54 -3.68 13.50
CA PHE A 385 -16.96 -2.62 14.32
C PHE A 385 -18.07 -1.70 14.80
N GLU A 386 -18.18 -1.61 16.13
CA GLU A 386 -19.02 -0.71 16.89
C GLU A 386 -18.78 0.73 16.42
N ASP A 387 -19.83 1.44 16.00
CA ASP A 387 -19.74 2.84 15.60
C ASP A 387 -18.65 2.99 14.52
N PRO A 388 -18.82 2.36 13.33
CA PRO A 388 -17.67 2.11 12.46
C PRO A 388 -16.97 3.37 11.93
N LEU A 389 -17.73 4.47 11.81
CA LEU A 389 -17.19 5.73 11.30
C LEU A 389 -16.42 6.53 12.37
N THR A 390 -16.44 6.11 13.64
CA THR A 390 -15.71 6.86 14.67
C THR A 390 -14.25 6.41 14.61
N PHE A 391 -13.33 7.38 14.53
CA PHE A 391 -11.90 7.12 14.55
C PHE A 391 -11.45 6.90 16.00
N ASN A 392 -11.24 5.63 16.40
CA ASN A 392 -10.96 5.33 17.80
C ASN A 392 -9.74 4.42 17.91
N PRO A 393 -8.53 4.98 18.12
CA PRO A 393 -7.31 4.16 18.28
C PRO A 393 -7.38 3.11 19.39
N ASP A 394 -8.29 3.31 20.38
CA ASP A 394 -8.43 2.36 21.49
C ASP A 394 -8.97 1.00 21.05
N ARG A 395 -9.63 0.90 19.87
CA ARG A 395 -9.97 -0.40 19.31
C ARG A 395 -8.73 -1.30 19.27
N PHE A 396 -7.53 -0.72 19.15
CA PHE A 396 -6.31 -1.51 19.00
C PHE A 396 -5.47 -1.47 20.28
N GLY A 397 -6.05 -1.09 21.40
CA GLY A 397 -5.32 -1.08 22.67
C GLY A 397 -4.99 -2.48 23.20
N PRO A 398 -3.95 -2.60 24.05
CA PRO A 398 -3.72 -3.85 24.79
C PRO A 398 -4.97 -4.19 25.61
N GLY A 399 -5.41 -5.44 25.56
CA GLY A 399 -6.58 -5.78 26.36
C GLY A 399 -7.89 -5.63 25.57
N ALA A 400 -7.86 -4.90 24.45
CA ALA A 400 -8.97 -4.94 23.50
C ALA A 400 -8.93 -6.24 22.71
N PRO A 401 -10.08 -6.94 22.55
CA PRO A 401 -10.18 -8.09 21.64
C PRO A 401 -9.72 -7.67 20.25
N LYS A 402 -8.68 -8.32 19.76
CA LYS A 402 -8.17 -8.09 18.42
C LYS A 402 -9.26 -8.47 17.41
N PRO A 403 -9.39 -7.74 16.27
CA PRO A 403 -10.42 -8.05 15.28
C PRO A 403 -10.07 -9.40 14.64
N ARG A 404 -10.95 -10.39 14.79
CA ARG A 404 -10.74 -11.74 14.29
C ARG A 404 -11.27 -11.83 12.85
N PHE A 405 -10.36 -11.64 11.88
CA PHE A 405 -10.63 -11.84 10.45
C PHE A 405 -11.59 -10.79 9.88
N THR A 406 -11.62 -9.60 10.47
CA THR A 406 -12.50 -8.54 9.98
C THR A 406 -11.66 -7.34 9.53
N TYR A 407 -10.33 -7.51 9.56
CA TYR A 407 -9.43 -6.37 9.38
C TYR A 407 -8.16 -6.92 8.75
N PHE A 408 -7.84 -6.53 7.50
CA PHE A 408 -6.69 -7.12 6.85
C PHE A 408 -6.08 -6.16 5.82
N PRO A 409 -5.56 -4.99 6.25
CA PRO A 409 -5.06 -3.97 5.30
C PRO A 409 -3.78 -4.41 4.58
N PHE A 410 -3.11 -5.42 5.14
CA PHE A 410 -1.94 -6.04 4.49
C PHE A 410 -2.29 -7.44 3.97
N SER A 411 -3.60 -7.75 3.89
CA SER A 411 -4.11 -9.08 3.62
C SER A 411 -3.68 -10.07 4.71
N LEU A 412 -3.93 -11.39 4.46
CA LEU A 412 -3.65 -12.48 5.38
C LEU A 412 -3.23 -13.72 4.59
N GLY A 413 -2.57 -14.64 5.31
CA GLY A 413 -2.18 -15.93 4.78
C GLY A 413 -0.91 -15.82 3.97
N HIS A 414 -0.73 -16.78 3.07
CA HIS A 414 0.52 -16.96 2.34
C HIS A 414 0.74 -15.77 1.40
N ARG A 415 -0.35 -15.12 0.97
CA ARG A 415 -0.25 -13.99 0.04
C ARG A 415 -0.40 -12.64 0.76
N SER A 416 -0.09 -12.59 2.06
CA SER A 416 -0.09 -11.30 2.75
C SER A 416 1.14 -10.48 2.33
N CYS A 417 1.13 -9.20 2.73
CA CYS A 417 2.12 -8.24 2.25
C CYS A 417 3.52 -8.61 2.75
N ILE A 418 4.43 -8.87 1.80
CA ILE A 418 5.84 -9.11 2.13
C ILE A 418 6.47 -7.87 2.76
N GLY A 419 5.98 -6.66 2.41
CA GLY A 419 6.55 -5.40 2.87
C GLY A 419 5.88 -4.82 4.13
N GLN A 420 5.06 -5.62 4.83
CA GLN A 420 4.23 -5.09 5.92
C GLN A 420 5.09 -4.43 7.00
N GLN A 421 6.13 -5.11 7.47
CA GLN A 421 7.01 -4.59 8.51
C GLN A 421 7.87 -3.41 8.00
N PHE A 422 8.34 -3.46 6.76
CA PHE A 422 9.03 -2.33 6.10
C PHE A 422 8.16 -1.07 6.20
N ALA A 423 6.91 -1.18 5.72
CA ALA A 423 5.90 -0.13 5.69
C ALA A 423 5.63 0.40 7.11
N GLN A 424 5.37 -0.51 8.04
CA GLN A 424 5.07 -0.13 9.42
C GLN A 424 6.23 0.70 10.00
N MET A 425 7.46 0.19 9.86
CA MET A 425 8.62 0.95 10.32
C MET A 425 8.72 2.30 9.61
N GLU A 426 8.63 2.32 8.28
CA GLU A 426 8.86 3.60 7.64
C GLU A 426 7.77 4.60 8.01
N VAL A 427 6.50 4.17 8.05
CA VAL A 427 5.50 5.20 8.24
C VAL A 427 5.58 5.71 9.66
N LYS A 428 5.96 4.85 10.61
CA LYS A 428 6.12 5.30 11.99
C LYS A 428 7.23 6.36 12.10
N VAL A 429 8.36 6.15 11.39
CA VAL A 429 9.48 7.07 11.45
C VAL A 429 9.01 8.42 10.96
N VAL A 430 8.36 8.46 9.77
CA VAL A 430 7.94 9.69 9.16
C VAL A 430 6.93 10.39 10.07
N MET A 431 5.94 9.62 10.57
CA MET A 431 4.90 10.20 11.41
C MET A 431 5.52 10.76 12.69
N ALA A 432 6.48 10.05 13.29
CA ALA A 432 7.08 10.47 14.55
C ALA A 432 7.81 11.79 14.35
N LYS A 433 8.59 11.89 13.26
CA LYS A 433 9.31 13.12 12.96
C LYS A 433 8.33 14.28 12.74
N LEU A 434 7.25 14.10 11.97
CA LEU A 434 6.25 15.17 11.82
C LEU A 434 5.72 15.66 13.18
N LEU A 435 5.39 14.72 14.06
CA LEU A 435 4.68 14.98 15.30
C LEU A 435 5.62 15.66 16.29
N GLN A 436 6.90 15.30 16.18
CA GLN A 436 7.94 15.92 16.98
C GLN A 436 8.04 17.42 16.65
N ARG A 437 7.84 17.81 15.39
CA ARG A 437 8.36 19.11 14.97
C ARG A 437 7.30 20.08 14.47
N LEU A 438 6.12 19.61 14.02
CA LEU A 438 5.18 20.46 13.29
C LEU A 438 3.74 20.30 13.77
N GLU A 439 2.96 21.39 13.61
CA GLU A 439 1.50 21.41 13.72
C GLU A 439 0.89 21.65 12.33
N PHE A 440 -0.15 20.86 11.98
CA PHE A 440 -0.80 20.90 10.67
C PHE A 440 -2.26 21.32 10.83
N ARG A 441 -2.69 22.25 9.99
CA ARG A 441 -4.13 22.50 9.88
C ARG A 441 -4.51 22.34 8.42
N LEU A 442 -5.57 21.57 8.16
CA LEU A 442 -6.08 21.35 6.81
C LEU A 442 -6.63 22.67 6.29
N VAL A 443 -6.29 23.05 5.04
CA VAL A 443 -6.86 24.26 4.49
C VAL A 443 -8.38 24.07 4.37
N PRO A 444 -9.22 25.04 4.82
CA PRO A 444 -10.69 24.93 4.67
C PRO A 444 -11.07 24.78 3.19
N GLY A 445 -12.01 23.89 2.92
CA GLY A 445 -12.39 23.52 1.56
C GLY A 445 -11.81 22.17 1.16
N GLN A 446 -10.73 21.74 1.83
CA GLN A 446 -10.13 20.45 1.56
C GLN A 446 -11.09 19.38 2.07
N ARG A 447 -11.21 18.28 1.32
CA ARG A 447 -12.21 17.27 1.58
C ARG A 447 -11.57 16.05 2.22
N PHE A 448 -12.44 15.22 2.83
CA PHE A 448 -12.05 14.01 3.53
C PHE A 448 -12.40 12.78 2.69
N GLY A 449 -12.88 13.02 1.47
CA GLY A 449 -13.37 11.94 0.63
C GLY A 449 -12.25 11.21 -0.09
N LEU A 450 -12.62 10.10 -0.76
CA LEU A 450 -11.64 9.21 -1.35
C LEU A 450 -11.70 9.30 -2.87
N GLN A 451 -10.60 8.93 -3.50
CA GLN A 451 -10.71 8.58 -4.91
C GLN A 451 -10.10 7.19 -5.06
N GLU A 452 -10.28 6.59 -6.25
CA GLU A 452 -9.70 5.31 -6.63
C GLU A 452 -8.81 5.45 -7.88
N GLN A 453 -7.51 5.24 -7.70
CA GLN A 453 -6.54 5.22 -8.78
C GLN A 453 -5.66 3.98 -8.63
N ALA A 454 -6.22 2.82 -8.92
CA ALA A 454 -5.54 1.58 -8.58
C ALA A 454 -5.72 1.35 -7.09
N THR A 455 -5.17 2.23 -6.26
CA THR A 455 -5.41 2.18 -4.82
C THR A 455 -6.38 3.28 -4.40
N LEU A 456 -6.82 3.21 -3.16
CA LEU A 456 -7.63 4.28 -2.59
C LEU A 456 -6.65 5.35 -2.08
N LYS A 457 -7.00 6.61 -2.28
CA LYS A 457 -6.18 7.69 -1.74
C LYS A 457 -7.06 8.90 -1.50
N PRO A 458 -6.61 9.92 -0.72
CA PRO A 458 -7.41 11.14 -0.55
C PRO A 458 -7.83 11.73 -1.89
N LEU A 459 -9.08 12.20 -1.98
CA LEU A 459 -9.53 12.90 -3.18
C LEU A 459 -8.73 14.18 -3.38
N ASP A 460 -8.49 14.91 -2.27
CA ASP A 460 -7.85 16.20 -2.41
C ASP A 460 -6.37 16.02 -2.08
N PRO A 461 -5.52 17.03 -2.39
CA PRO A 461 -4.10 16.92 -2.05
C PRO A 461 -3.66 17.08 -0.59
N VAL A 462 -4.60 17.03 0.37
CA VAL A 462 -4.32 17.22 1.80
C VAL A 462 -3.48 18.50 1.96
N LEU A 463 -3.97 19.62 1.41
CA LEU A 463 -3.33 20.93 1.52
C LEU A 463 -3.45 21.42 2.97
N CYS A 464 -2.29 21.73 3.59
CA CYS A 464 -2.24 22.13 4.99
C CYS A 464 -1.42 23.40 5.12
N THR A 465 -1.69 24.17 6.19
CA THR A 465 -0.73 25.18 6.65
C THR A 465 -0.02 24.58 7.87
N LEU A 466 1.22 25.00 8.10
CA LEU A 466 2.07 24.40 9.11
C LEU A 466 2.59 25.48 10.07
N ARG A 467 2.83 25.09 11.32
CA ARG A 467 3.54 25.89 12.32
C ARG A 467 4.52 24.98 13.04
N PRO A 468 5.69 25.47 13.48
CA PRO A 468 6.60 24.67 14.32
C PRO A 468 5.90 24.33 15.64
N ARG A 469 6.25 23.20 16.26
CA ARG A 469 5.70 22.92 17.57
C ARG A 469 6.22 23.97 18.55
#